data_4JP7
#
_entry.id   4JP7
#
_cell.length_a   54.908
_cell.length_b   56.964
_cell.length_c   74.202
_cell.angle_alpha   90.00
_cell.angle_beta   90.00
_cell.angle_gamma   90.00
#
_symmetry.space_group_name_H-M   'P 21 21 21'
#
loop_
_entity.id
_entity.type
_entity.pdbx_description
1 polymer 'papaya barwin-like protein'
2 non-polymer GLYCEROL
3 water water
#
_entity_poly.entity_id   1
_entity_poly.type   'polypeptide(L)'
_entity_poly.pdbx_seq_one_letter_code
;(PCA)SASNVRATYHFYNAQQNGWDLRKVSAYCATWDADKPYSWRSKYGWTAFCGPVGPHGRAACGKCLRVTNTKTRAET
TVRIVDQCSNGGLDLDWSVFKKLDTDGSGYLRGHLIVNYQFVNCGN
;
_entity_poly.pdbx_strand_id   A,B
#
# COMPACT_ATOMS: atom_id res chain seq x y z
N SER A 2 -0.84 -5.45 13.26
CA SER A 2 0.03 -4.42 12.76
C SER A 2 0.98 -3.94 13.80
N ALA A 3 2.10 -3.34 13.35
CA ALA A 3 3.07 -2.72 14.23
C ALA A 3 3.82 -1.64 13.43
N SER A 4 4.36 -0.70 14.18
CA SER A 4 5.04 0.42 13.64
C SER A 4 6.50 0.42 14.10
N ASN A 5 7.36 1.04 13.29
CA ASN A 5 8.70 1.32 13.58
C ASN A 5 9.55 0.06 13.89
N VAL A 6 9.41 -0.90 13.04
CA VAL A 6 10.11 -2.13 13.14
C VAL A 6 11.28 -2.18 12.17
N ARG A 7 12.33 -2.90 12.53
CA ARG A 7 13.48 -3.02 11.67
C ARG A 7 13.26 -4.07 10.59
N ALA A 8 13.60 -3.74 9.39
CA ALA A 8 13.63 -4.67 8.24
C ALA A 8 15.06 -4.72 7.70
N THR A 9 15.65 -5.89 7.76
CA THR A 9 16.92 -6.19 7.13
C THR A 9 16.66 -6.86 5.78
N TYR A 10 17.72 -7.27 5.07
CA TYR A 10 17.56 -8.07 3.89
C TYR A 10 18.44 -9.28 3.87
N HIS A 11 18.00 -10.28 3.10
CA HIS A 11 18.71 -11.50 2.81
C HIS A 11 18.56 -11.80 1.33
N PHE A 12 19.59 -12.33 0.69
CA PHE A 12 19.52 -12.71 -0.68
C PHE A 12 18.76 -14.05 -0.86
N TYR A 13 17.46 -14.05 -0.69
CA TYR A 13 16.67 -15.22 -1.10
C TYR A 13 16.80 -15.42 -2.59
N ASN A 14 16.83 -14.31 -3.33
CA ASN A 14 16.89 -14.39 -4.78
C ASN A 14 15.73 -15.16 -5.30
N ALA A 15 14.52 -14.80 -4.86
CA ALA A 15 13.34 -15.64 -5.20
C ALA A 15 13.15 -15.85 -6.68
N GLN A 16 13.15 -14.78 -7.44
CA GLN A 16 12.97 -14.82 -8.90
C GLN A 16 14.02 -15.71 -9.55
N GLN A 17 15.27 -15.59 -9.12
CA GLN A 17 16.39 -16.40 -9.71
C GLN A 17 16.39 -17.82 -9.25
N ASN A 18 15.50 -18.19 -8.33
CA ASN A 18 15.24 -19.57 -7.96
C ASN A 18 13.86 -20.02 -8.50
N GLY A 19 13.30 -19.29 -9.46
CA GLY A 19 12.02 -19.74 -10.02
C GLY A 19 10.92 -19.71 -8.97
N TRP A 20 10.98 -18.87 -7.97
CA TRP A 20 9.91 -18.73 -6.92
C TRP A 20 9.70 -20.09 -6.18
N ASP A 21 10.77 -20.89 -6.08
CA ASP A 21 10.69 -22.21 -5.47
C ASP A 21 11.18 -22.10 -4.05
N LEU A 22 10.25 -22.23 -3.11
CA LEU A 22 10.58 -22.13 -1.72
C LEU A 22 11.55 -23.12 -1.20
N ARG A 23 11.58 -24.34 -1.81
CA ARG A 23 12.53 -25.34 -1.30
C ARG A 23 13.90 -24.94 -1.71
N LYS A 24 14.11 -24.36 -2.89
CA LYS A 24 15.43 -24.04 -3.36
C LYS A 24 16.08 -23.00 -2.53
N VAL A 25 15.32 -22.07 -1.95
CA VAL A 25 15.88 -21.03 -1.15
C VAL A 25 16.00 -21.41 0.34
N SER A 26 15.53 -22.64 0.65
CA SER A 26 15.53 -23.17 2.01
C SER A 26 14.60 -22.34 2.98
N ALA A 27 13.44 -21.93 2.47
CA ALA A 27 12.47 -21.20 3.27
C ALA A 27 11.77 -22.15 4.25
N TYR A 28 11.60 -21.72 5.51
CA TYR A 28 10.90 -22.53 6.50
C TYR A 28 9.53 -22.99 6.01
N CYS A 29 8.82 -22.13 5.32
CA CYS A 29 7.46 -22.43 4.95
C CYS A 29 7.36 -23.41 3.78
N ALA A 30 8.49 -23.81 3.15
CA ALA A 30 8.47 -24.78 2.07
C ALA A 30 7.72 -26.02 2.43
N THR A 31 7.83 -26.47 3.68
CA THR A 31 7.17 -27.71 4.12
C THR A 31 5.69 -27.69 3.85
N TRP A 32 5.01 -26.56 3.96
CA TRP A 32 3.59 -26.44 3.78
C TRP A 32 3.15 -25.74 2.44
N ASP A 33 4.02 -24.87 1.90
CA ASP A 33 3.65 -23.99 0.82
C ASP A 33 4.42 -24.22 -0.52
N ALA A 34 5.39 -25.12 -0.56
CA ALA A 34 6.20 -25.22 -1.76
C ALA A 34 5.43 -25.66 -3.00
N ASP A 35 4.38 -26.41 -2.82
CA ASP A 35 3.56 -26.90 -3.94
C ASP A 35 2.29 -26.12 -4.24
N LYS A 36 2.17 -24.95 -3.64
CA LYS A 36 1.12 -24.05 -4.01
C LYS A 36 1.37 -23.64 -5.43
N PRO A 37 0.36 -23.13 -6.12
CA PRO A 37 0.52 -22.76 -7.51
C PRO A 37 1.66 -21.74 -7.72
N TYR A 38 2.35 -21.82 -8.85
CA TYR A 38 3.29 -20.80 -9.28
C TYR A 38 2.77 -19.39 -9.21
N SER A 39 1.53 -19.17 -9.61
CA SER A 39 0.91 -17.86 -9.53
C SER A 39 0.83 -17.35 -8.11
N TRP A 40 0.62 -18.22 -7.14
CA TRP A 40 0.57 -17.86 -5.71
C TRP A 40 1.99 -17.59 -5.19
N ARG A 41 2.92 -18.51 -5.49
CA ARG A 41 4.30 -18.34 -4.99
C ARG A 41 4.90 -17.08 -5.51
N SER A 42 4.64 -16.68 -6.75
CA SER A 42 5.27 -15.53 -7.38
C SER A 42 4.49 -14.30 -7.30
N LYS A 43 3.32 -14.26 -6.66
CA LYS A 43 2.46 -13.06 -6.68
C LYS A 43 3.14 -11.86 -6.02
N TYR A 44 3.77 -12.10 -4.89
CA TYR A 44 4.40 -11.05 -4.07
C TYR A 44 5.83 -11.44 -3.70
N GLY A 45 6.71 -10.48 -3.59
CA GLY A 45 8.04 -10.71 -3.09
C GLY A 45 8.03 -11.27 -1.69
N TRP A 46 9.14 -11.90 -1.31
CA TRP A 46 9.24 -12.71 -0.14
C TRP A 46 9.88 -12.02 1.03
N THR A 47 9.47 -12.42 2.25
CA THR A 47 10.06 -12.00 3.53
C THR A 47 10.04 -13.14 4.51
N ALA A 48 11.00 -13.06 5.42
CA ALA A 48 10.91 -13.67 6.75
C ALA A 48 10.21 -12.72 7.68
N PHE A 49 9.48 -13.26 8.67
CA PHE A 49 8.77 -12.46 9.66
C PHE A 49 9.02 -12.92 11.08
N CYS A 50 9.22 -11.96 11.96
CA CYS A 50 9.38 -12.19 13.39
C CYS A 50 9.03 -10.90 14.16
N GLY A 51 7.89 -10.25 13.76
CA GLY A 51 7.48 -9.01 14.33
C GLY A 51 6.94 -9.14 15.71
N PRO A 52 6.81 -7.99 16.38
CA PRO A 52 6.32 -7.98 17.76
C PRO A 52 4.84 -8.36 17.88
N VAL A 53 4.07 -8.17 16.82
CA VAL A 53 2.66 -8.34 16.86
C VAL A 53 2.23 -9.26 15.74
N GLY A 54 1.51 -10.31 16.08
CA GLY A 54 0.97 -11.22 15.09
C GLY A 54 1.66 -12.58 15.17
N PRO A 55 1.18 -13.54 14.37
CA PRO A 55 1.73 -14.87 14.39
C PRO A 55 3.13 -14.92 13.78
N HIS A 56 3.92 -15.86 14.21
CA HIS A 56 5.18 -16.03 13.51
C HIS A 56 5.33 -17.59 13.43
N GLY A 57 6.30 -18.04 12.64
CA GLY A 57 6.52 -19.47 12.43
C GLY A 57 5.46 -20.05 11.54
N ARG A 58 5.14 -21.30 11.86
CA ARG A 58 4.27 -22.02 11.07
C ARG A 58 2.89 -21.37 10.86
N ALA A 59 2.33 -20.79 11.88
CA ALA A 59 1.03 -20.15 11.78
C ALA A 59 1.03 -18.95 10.79
N ALA A 60 2.17 -18.35 10.57
CA ALA A 60 2.29 -17.15 9.68
C ALA A 60 2.56 -17.49 8.23
N CYS A 61 2.94 -18.73 7.95
CA CYS A 61 3.36 -19.07 6.59
C CYS A 61 2.27 -18.75 5.55
N GLY A 62 2.71 -18.02 4.53
CA GLY A 62 1.84 -17.73 3.37
C GLY A 62 1.00 -16.50 3.53
N LYS A 63 0.96 -15.91 4.76
CA LYS A 63 0.22 -14.71 4.99
C LYS A 63 0.94 -13.53 4.29
N CYS A 64 0.20 -12.46 4.08
CA CYS A 64 0.72 -11.28 3.39
C CYS A 64 0.77 -10.07 4.31
N LEU A 65 1.81 -9.27 4.09
CA LEU A 65 2.02 -7.99 4.81
C LEU A 65 2.11 -6.83 3.86
N ARG A 66 1.44 -5.75 4.20
CA ARG A 66 1.66 -4.45 3.57
C ARG A 66 2.75 -3.76 4.38
N VAL A 67 3.84 -3.42 3.72
CA VAL A 67 5.02 -2.86 4.39
C VAL A 67 5.25 -1.43 3.86
N THR A 68 5.46 -0.51 4.81
CA THR A 68 5.70 0.91 4.50
C THR A 68 7.03 1.34 5.05
N ASN A 69 7.87 1.90 4.17
CA ASN A 69 9.10 2.60 4.64
C ASN A 69 8.69 3.85 5.38
N THR A 70 8.97 3.89 6.70
CA THR A 70 8.53 5.05 7.49
C THR A 70 9.18 6.38 7.08
N LYS A 71 10.37 6.29 6.49
CA LYS A 71 11.14 7.47 6.12
C LYS A 71 10.80 8.03 4.77
N THR A 72 10.51 7.19 3.81
CA THR A 72 10.25 7.61 2.45
C THR A 72 8.81 7.46 1.97
N ARG A 73 8.03 6.64 2.69
CA ARG A 73 6.64 6.30 2.37
C ARG A 73 6.50 5.32 1.29
N ALA A 74 7.58 4.77 0.73
CA ALA A 74 7.44 3.73 -0.25
C ALA A 74 6.77 2.49 0.40
N GLU A 75 5.99 1.76 -0.40
CA GLU A 75 5.25 0.62 0.08
C GLU A 75 5.32 -0.55 -0.86
N THR A 76 5.08 -1.74 -0.33
CA THR A 76 4.92 -2.93 -1.13
C THR A 76 4.16 -3.97 -0.33
N THR A 77 3.73 -5.03 -0.99
CA THR A 77 3.11 -6.18 -0.30
C THR A 77 4.03 -7.36 -0.46
N VAL A 78 4.24 -8.06 0.64
CA VAL A 78 5.11 -9.25 0.66
C VAL A 78 4.36 -10.46 1.19
N ARG A 79 4.91 -11.61 0.88
CA ARG A 79 4.42 -12.91 1.38
C ARG A 79 5.42 -13.46 2.40
N ILE A 80 4.94 -13.91 3.54
CA ILE A 80 5.74 -14.57 4.56
C ILE A 80 6.09 -15.97 4.12
N VAL A 81 7.38 -16.24 4.02
CA VAL A 81 7.85 -17.54 3.54
C VAL A 81 8.83 -18.08 4.58
N ASP A 82 9.25 -17.33 5.61
CA ASP A 82 10.27 -17.78 6.45
C ASP A 82 10.14 -17.15 7.85
N GLN A 83 10.88 -17.67 8.77
CA GLN A 83 10.97 -17.12 10.10
C GLN A 83 12.33 -16.39 10.29
N CYS A 84 12.45 -15.47 11.27
CA CYS A 84 13.68 -14.58 11.42
C CYS A 84 14.00 -14.37 12.88
N SER A 85 15.17 -13.82 13.20
CA SER A 85 15.50 -13.39 14.57
C SER A 85 15.76 -11.86 14.50
N ASN A 86 15.23 -11.17 15.49
CA ASN A 86 14.99 -9.74 15.43
C ASN A 86 13.46 -9.85 15.66
N GLY A 87 12.95 -8.68 15.93
CA GLY A 87 11.58 -8.47 16.13
C GLY A 87 11.23 -7.70 14.90
N GLY A 88 11.54 -8.24 13.68
CA GLY A 88 11.00 -7.56 12.54
C GLY A 88 10.82 -8.36 11.27
N LEU A 89 11.39 -7.92 10.17
CA LEU A 89 11.32 -8.53 8.83
C LEU A 89 12.71 -8.80 8.30
N ASP A 90 12.91 -9.86 7.51
CA ASP A 90 14.11 -10.07 6.78
C ASP A 90 13.68 -10.20 5.31
N LEU A 91 13.70 -9.12 4.59
CA LEU A 91 13.18 -9.02 3.23
C LEU A 91 14.08 -9.64 2.21
N ASP A 92 13.56 -10.21 1.14
CA ASP A 92 14.44 -10.49 0.00
C ASP A 92 15.04 -9.16 -0.44
N TRP A 93 16.28 -9.20 -0.93
CA TRP A 93 16.95 -7.98 -1.40
C TRP A 93 16.08 -7.24 -2.43
N SER A 94 15.47 -7.93 -3.37
CA SER A 94 14.66 -7.24 -4.38
C SER A 94 13.59 -6.38 -3.75
N VAL A 95 12.97 -6.86 -2.69
CA VAL A 95 11.94 -6.12 -2.00
C VAL A 95 12.54 -4.93 -1.22
N PHE A 96 13.62 -5.18 -0.49
CA PHE A 96 14.32 -4.14 0.24
C PHE A 96 14.69 -3.03 -0.72
N LYS A 97 15.24 -3.35 -1.87
CA LYS A 97 15.68 -2.38 -2.85
C LYS A 97 14.50 -1.53 -3.32
N LYS A 98 13.38 -2.16 -3.60
CA LYS A 98 12.15 -1.45 -3.96
C LYS A 98 11.73 -0.42 -2.92
N LEU A 99 11.80 -0.82 -1.65
CA LEU A 99 11.38 0.08 -0.57
C LEU A 99 12.44 1.15 -0.26
N ASP A 100 13.71 0.86 -0.54
CA ASP A 100 14.81 1.73 -0.11
C ASP A 100 15.01 2.86 -1.14
N THR A 101 14.05 3.74 -1.26
CA THR A 101 13.96 4.67 -2.38
C THR A 101 15.06 5.71 -2.36
N ASP A 102 15.65 6.03 -1.21
CA ASP A 102 16.74 6.96 -1.13
C ASP A 102 18.09 6.32 -0.93
N GLY A 103 18.18 5.00 -0.89
CA GLY A 103 19.43 4.31 -0.76
C GLY A 103 20.03 4.28 0.63
N SER A 104 19.34 4.91 1.59
CA SER A 104 19.87 5.02 2.97
C SER A 104 19.79 3.71 3.70
N GLY A 105 18.85 2.85 3.34
CA GLY A 105 18.76 1.52 3.93
C GLY A 105 19.92 0.66 3.59
N TYR A 106 20.38 0.66 2.36
CA TYR A 106 21.54 -0.11 1.97
C TYR A 106 22.74 0.35 2.77
N LEU A 107 22.88 1.68 2.96
CA LEU A 107 24.03 2.18 3.68
C LEU A 107 24.00 1.80 5.14
N ARG A 108 22.87 1.89 5.82
CA ARG A 108 22.87 1.56 7.22
C ARG A 108 22.71 0.08 7.51
N GLY A 109 22.11 -0.66 6.58
CA GLY A 109 21.87 -2.08 6.71
C GLY A 109 20.45 -2.46 7.06
N HIS A 110 19.55 -1.50 7.23
CA HIS A 110 18.14 -1.78 7.55
C HIS A 110 17.32 -0.64 7.20
N LEU A 111 15.99 -0.92 7.08
CA LEU A 111 14.96 0.09 6.99
C LEU A 111 14.18 0.08 8.28
N ILE A 112 13.47 1.16 8.58
CA ILE A 112 12.47 1.22 9.64
C ILE A 112 11.10 1.21 8.90
N VAL A 113 10.29 0.21 9.20
CA VAL A 113 9.03 0.01 8.49
C VAL A 113 7.87 -0.11 9.40
N ASN A 114 6.66 0.09 8.87
CA ASN A 114 5.43 -0.37 9.49
C ASN A 114 4.94 -1.54 8.70
N TYR A 115 4.22 -2.44 9.35
CA TYR A 115 3.57 -3.53 8.67
C TYR A 115 2.14 -3.74 9.12
N GLN A 116 1.35 -4.31 8.24
CA GLN A 116 0.00 -4.70 8.54
C GLN A 116 -0.29 -6.02 7.77
N PHE A 117 -0.82 -6.99 8.47
CA PHE A 117 -1.32 -8.18 7.78
C PHE A 117 -2.53 -7.82 6.91
N VAL A 118 -2.53 -8.28 5.67
CA VAL A 118 -3.52 -7.91 4.69
C VAL A 118 -4.00 -9.10 3.94
N ASN A 119 -5.18 -8.97 3.33
CA ASN A 119 -5.69 -9.99 2.45
C ASN A 119 -4.76 -10.26 1.29
N CYS A 120 -4.41 -11.50 1.04
CA CYS A 120 -3.51 -11.89 -0.02
C CYS A 120 -4.18 -11.82 -1.37
N GLY A 121 -5.52 -11.78 -1.42
CA GLY A 121 -6.25 -11.85 -2.65
C GLY A 121 -6.15 -13.16 -3.29
N ASN A 122 -6.44 -13.11 -4.59
CA ASN A 122 -6.56 -14.32 -5.42
C ASN A 122 -5.83 -14.05 -6.74
N SER B 2 -7.43 9.27 -18.01
CA SER B 2 -8.35 8.32 -17.44
C SER B 2 -7.76 6.89 -17.50
N ALA B 3 -8.24 6.05 -16.60
CA ALA B 3 -7.89 4.62 -16.62
C ALA B 3 -9.01 3.82 -16.07
N SER B 4 -9.05 2.54 -16.46
CA SER B 4 -10.00 1.59 -15.96
C SER B 4 -9.38 0.47 -15.16
N ASN B 5 -10.19 -0.13 -14.30
CA ASN B 5 -9.78 -1.36 -13.59
C ASN B 5 -8.56 -1.13 -12.74
N VAL B 6 -8.58 -0.09 -11.91
CA VAL B 6 -7.52 0.32 -11.05
C VAL B 6 -7.86 -0.03 -9.62
N ARG B 7 -6.86 -0.39 -8.81
CA ARG B 7 -7.05 -0.68 -7.41
C ARG B 7 -7.31 0.55 -6.60
N ALA B 8 -8.28 0.51 -5.72
CA ALA B 8 -8.50 1.57 -4.68
C ALA B 8 -8.59 0.93 -3.34
N THR B 9 -7.70 1.35 -2.43
CA THR B 9 -7.72 0.96 -1.07
C THR B 9 -8.26 2.13 -0.23
N TYR B 10 -8.28 1.93 1.09
CA TYR B 10 -8.69 3.01 2.05
C TYR B 10 -7.56 3.32 2.99
N HIS B 11 -7.49 4.59 3.34
CA HIS B 11 -6.59 5.12 4.35
C HIS B 11 -7.41 6.04 5.26
N PHE B 12 -7.09 6.04 6.55
CA PHE B 12 -7.79 6.90 7.51
C PHE B 12 -7.18 8.28 7.57
N TYR B 13 -7.39 9.12 6.55
CA TYR B 13 -7.07 10.54 6.72
C TYR B 13 -7.96 11.12 7.78
N ASN B 14 -9.24 10.72 7.80
CA ASN B 14 -10.19 11.28 8.71
C ASN B 14 -10.30 12.78 8.49
N ALA B 15 -10.51 13.19 7.25
CA ALA B 15 -10.47 14.57 6.93
C ALA B 15 -11.42 15.40 7.75
N GLN B 16 -12.64 14.96 7.86
CA GLN B 16 -13.64 15.69 8.62
C GLN B 16 -13.24 15.92 10.06
N GLN B 17 -12.65 14.89 10.71
CA GLN B 17 -12.26 14.95 12.06
C GLN B 17 -11.00 15.76 12.27
N ASN B 18 -10.28 16.15 11.22
CA ASN B 18 -9.13 16.99 11.24
C ASN B 18 -9.39 18.36 10.60
N GLY B 19 -10.64 18.75 10.49
CA GLY B 19 -10.93 20.08 9.99
C GLY B 19 -10.50 20.31 8.56
N TRP B 20 -10.37 19.27 7.77
CA TRP B 20 -9.93 19.36 6.41
C TRP B 20 -8.58 20.03 6.26
N ASP B 21 -7.73 19.88 7.29
CA ASP B 21 -6.41 20.49 7.34
C ASP B 21 -5.38 19.46 6.85
N LEU B 22 -4.83 19.72 5.70
CA LEU B 22 -3.84 18.79 5.07
C LEU B 22 -2.65 18.58 5.94
N ARG B 23 -2.24 19.57 6.70
CA ARG B 23 -1.07 19.40 7.55
C ARG B 23 -1.33 18.35 8.69
N LYS B 24 -2.55 18.30 9.22
CA LYS B 24 -2.87 17.44 10.35
C LYS B 24 -2.82 15.96 9.96
N VAL B 25 -2.94 15.67 8.70
CA VAL B 25 -3.03 14.27 8.21
C VAL B 25 -1.76 13.82 7.51
N SER B 26 -0.76 14.68 7.48
CA SER B 26 0.51 14.42 6.82
C SER B 26 0.29 14.13 5.29
N ALA B 27 -0.55 14.93 4.67
CA ALA B 27 -0.78 14.74 3.28
C ALA B 27 0.40 15.32 2.49
N TYR B 28 0.86 14.59 1.43
CA TYR B 28 1.97 15.05 0.62
C TYR B 28 1.73 16.41 0.03
N CYS B 29 0.53 16.76 -0.35
CA CYS B 29 0.26 17.99 -1.00
C CYS B 29 0.19 19.20 -0.05
N ALA B 30 0.34 18.96 1.25
CA ALA B 30 0.25 20.08 2.20
C ALA B 30 1.25 21.16 1.78
N THR B 31 2.41 20.79 1.29
CA THR B 31 3.47 21.75 0.92
C THR B 31 2.94 22.87 0.05
N TRP B 32 2.02 22.58 -0.83
CA TRP B 32 1.52 23.51 -1.82
C TRP B 32 0.11 23.92 -1.61
N ASP B 33 -0.73 23.05 -0.97
CA ASP B 33 -2.17 23.26 -0.93
C ASP B 33 -2.72 23.48 0.45
N ALA B 34 -1.94 23.34 1.50
CA ALA B 34 -2.53 23.46 2.86
C ALA B 34 -3.08 24.84 3.16
N ASP B 35 -2.52 25.88 2.54
CA ASP B 35 -2.97 27.25 2.77
C ASP B 35 -4.05 27.70 1.86
N LYS B 36 -4.57 26.85 0.96
CA LYS B 36 -5.74 27.15 0.20
C LYS B 36 -6.94 27.31 1.09
N PRO B 37 -8.00 27.99 0.62
CA PRO B 37 -9.14 28.21 1.51
C PRO B 37 -9.78 26.92 2.04
N TYR B 38 -10.35 27.01 3.20
CA TYR B 38 -11.14 25.94 3.76
C TYR B 38 -12.17 25.41 2.76
N SER B 39 -12.89 26.28 2.08
CA SER B 39 -13.88 25.89 1.16
C SER B 39 -13.32 24.97 0.09
N TRP B 40 -12.13 25.31 -0.39
CA TRP B 40 -11.44 24.48 -1.42
C TRP B 40 -11.03 23.15 -0.83
N ARG B 41 -10.39 23.17 0.33
CA ARG B 41 -9.90 21.98 0.98
C ARG B 41 -10.98 20.98 1.28
N SER B 42 -12.16 21.46 1.65
CA SER B 42 -13.29 20.67 2.10
C SER B 42 -14.30 20.37 0.99
N LYS B 43 -14.06 20.80 -0.25
CA LYS B 43 -15.07 20.68 -1.28
C LYS B 43 -15.42 19.26 -1.65
N TYR B 44 -14.37 18.43 -1.76
CA TYR B 44 -14.47 17.01 -2.14
C TYR B 44 -13.72 16.14 -1.18
N GLY B 45 -14.22 14.92 -1.03
CA GLY B 45 -13.46 13.92 -0.25
C GLY B 45 -12.11 13.71 -0.82
N TRP B 46 -11.19 13.22 0.07
CA TRP B 46 -9.77 13.16 -0.25
C TRP B 46 -9.29 11.76 -0.74
N THR B 47 -8.30 11.78 -1.59
CA THR B 47 -7.59 10.57 -2.01
C THR B 47 -6.08 10.85 -2.14
N ALA B 48 -5.33 9.77 -2.01
CA ALA B 48 -4.00 9.69 -2.59
C ALA B 48 -4.08 9.11 -3.99
N PHE B 49 -3.14 9.43 -4.85
CA PHE B 49 -3.12 8.94 -6.23
C PHE B 49 -1.73 8.47 -6.62
N CYS B 50 -1.70 7.39 -7.36
CA CYS B 50 -0.47 6.89 -7.93
C CYS B 50 -0.84 5.93 -9.08
N GLY B 51 -1.86 6.33 -9.90
CA GLY B 51 -2.34 5.47 -10.96
C GLY B 51 -1.50 5.43 -12.19
N PRO B 52 -1.94 4.60 -13.16
CA PRO B 52 -1.11 4.37 -14.34
C PRO B 52 -1.13 5.48 -15.36
N VAL B 53 -2.19 6.29 -15.35
CA VAL B 53 -2.39 7.32 -16.36
C VAL B 53 -2.63 8.65 -15.66
N GLY B 54 -1.82 9.65 -16.02
CA GLY B 54 -2.00 10.98 -15.50
C GLY B 54 -0.86 11.37 -14.56
N PRO B 55 -0.89 12.60 -14.08
CA PRO B 55 0.16 13.08 -13.21
C PRO B 55 0.14 12.44 -11.85
N HIS B 56 1.34 12.41 -11.26
CA HIS B 56 1.61 12.01 -9.93
C HIS B 56 2.38 13.02 -9.14
N GLY B 57 2.29 12.90 -7.80
CA GLY B 57 3.11 13.75 -6.95
C GLY B 57 2.66 15.20 -7.07
N ARG B 58 3.65 16.10 -7.03
CA ARG B 58 3.37 17.51 -6.99
C ARG B 58 2.44 17.94 -8.12
N ALA B 59 2.64 17.44 -9.34
CA ALA B 59 1.85 17.85 -10.48
C ALA B 59 0.42 17.37 -10.39
N ALA B 60 0.12 16.40 -9.54
CA ALA B 60 -1.26 15.97 -9.33
C ALA B 60 -1.97 16.68 -8.20
N CYS B 61 -1.23 17.31 -7.32
CA CYS B 61 -1.82 17.88 -6.10
C CYS B 61 -2.95 18.82 -6.46
N GLY B 62 -4.08 18.63 -5.79
CA GLY B 62 -5.24 19.48 -5.93
C GLY B 62 -6.13 19.21 -7.08
N LYS B 63 -5.75 18.29 -7.98
CA LYS B 63 -6.59 17.90 -9.12
C LYS B 63 -7.70 17.03 -8.62
N CYS B 64 -8.74 16.89 -9.43
CA CYS B 64 -9.93 16.19 -9.09
C CYS B 64 -10.15 15.03 -10.01
N LEU B 65 -10.69 13.96 -9.42
CA LEU B 65 -11.02 12.74 -10.13
C LEU B 65 -12.49 12.38 -9.94
N ARG B 66 -13.14 11.95 -11.04
CA ARG B 66 -14.42 11.30 -10.95
C ARG B 66 -14.12 9.79 -10.91
N VAL B 67 -14.54 9.15 -9.86
CA VAL B 67 -14.20 7.74 -9.56
C VAL B 67 -15.46 6.92 -9.61
N THR B 68 -15.41 5.81 -10.35
CA THR B 68 -16.53 4.91 -10.52
C THR B 68 -16.16 3.54 -9.99
N ASN B 69 -16.98 2.98 -9.12
CA ASN B 69 -16.84 1.59 -8.68
C ASN B 69 -17.21 0.69 -9.87
N THR B 70 -16.26 -0.07 -10.38
CA THR B 70 -16.52 -0.84 -11.59
C THR B 70 -17.56 -1.87 -11.38
N LYS B 71 -17.71 -2.38 -10.22
CA LYS B 71 -18.71 -3.41 -10.01
C LYS B 71 -20.12 -2.83 -9.79
N THR B 72 -20.35 -1.80 -8.96
CA THR B 72 -21.69 -1.36 -8.65
C THR B 72 -22.08 -0.15 -9.39
N ARG B 73 -21.10 0.54 -10.03
CA ARG B 73 -21.28 1.70 -10.83
C ARG B 73 -21.50 2.98 -9.98
N ALA B 74 -21.39 2.89 -8.67
CA ALA B 74 -21.45 4.09 -7.82
C ALA B 74 -20.31 5.03 -8.21
N GLU B 75 -20.54 6.33 -8.08
CA GLU B 75 -19.56 7.34 -8.43
C GLU B 75 -19.44 8.40 -7.39
N THR B 76 -18.27 9.03 -7.35
CA THR B 76 -18.05 10.18 -6.51
C THR B 76 -16.94 11.02 -7.12
N THR B 77 -16.75 12.24 -6.65
CA THR B 77 -15.60 13.08 -7.01
C THR B 77 -14.71 13.23 -5.81
N VAL B 78 -13.40 13.10 -6.03
CA VAL B 78 -12.40 13.27 -5.01
C VAL B 78 -11.35 14.29 -5.43
N ARG B 79 -10.65 14.86 -4.45
CA ARG B 79 -9.53 15.72 -4.65
C ARG B 79 -8.26 14.97 -4.24
N ILE B 80 -7.26 15.05 -5.08
CA ILE B 80 -5.93 14.47 -4.78
C ILE B 80 -5.24 15.38 -3.79
N VAL B 81 -4.98 14.83 -2.60
CA VAL B 81 -4.26 15.53 -1.57
C VAL B 81 -2.98 14.84 -1.19
N ASP B 82 -2.71 13.63 -1.77
CA ASP B 82 -1.58 12.85 -1.31
C ASP B 82 -1.08 11.96 -2.44
N GLN B 83 0.08 11.44 -2.27
CA GLN B 83 0.68 10.54 -3.18
C GLN B 83 0.76 9.17 -2.51
N CYS B 84 0.31 8.14 -3.19
CA CYS B 84 0.45 6.80 -2.70
C CYS B 84 1.64 6.09 -3.40
N SER B 85 1.93 4.89 -2.94
CA SER B 85 2.96 4.06 -3.49
C SER B 85 2.41 2.68 -3.74
N ASN B 86 2.79 2.09 -4.84
CA ASN B 86 2.43 0.73 -5.17
C ASN B 86 0.94 0.48 -5.05
N GLY B 87 0.16 1.20 -5.83
CA GLY B 87 -1.26 1.17 -5.72
C GLY B 87 -1.89 1.89 -6.87
N GLY B 88 -3.07 2.41 -6.67
CA GLY B 88 -3.80 3.20 -7.70
C GLY B 88 -4.35 4.38 -7.01
N LEU B 89 -5.39 4.20 -6.23
CA LEU B 89 -5.94 5.26 -5.36
C LEU B 89 -5.95 4.75 -3.96
N ASP B 90 -5.72 5.66 -2.99
CA ASP B 90 -5.90 5.35 -1.55
C ASP B 90 -6.87 6.35 -1.02
N LEU B 91 -8.16 5.95 -0.97
CA LEU B 91 -9.26 6.81 -0.66
C LEU B 91 -9.36 7.05 0.85
N ASP B 92 -9.77 8.25 1.29
CA ASP B 92 -10.17 8.41 2.67
C ASP B 92 -11.29 7.42 2.97
N TRP B 93 -11.36 6.91 4.16
CA TRP B 93 -12.37 5.93 4.54
C TRP B 93 -13.78 6.38 4.19
N SER B 94 -14.14 7.62 4.51
CA SER B 94 -15.49 8.04 4.21
C SER B 94 -15.82 7.90 2.71
N VAL B 95 -14.86 8.18 1.85
CA VAL B 95 -15.04 8.05 0.42
C VAL B 95 -15.18 6.56 0.02
N PHE B 96 -14.27 5.74 0.53
CA PHE B 96 -14.32 4.28 0.26
C PHE B 96 -15.69 3.78 0.64
N LYS B 97 -16.17 4.09 1.83
CA LYS B 97 -17.42 3.59 2.36
C LYS B 97 -18.57 4.02 1.42
N LYS B 98 -18.54 5.26 0.95
CA LYS B 98 -19.58 5.75 0.02
C LYS B 98 -19.61 4.98 -1.27
N LEU B 99 -18.41 4.68 -1.80
CA LEU B 99 -18.30 3.97 -3.08
C LEU B 99 -18.61 2.48 -2.94
N ASP B 100 -18.38 1.90 -1.77
CA ASP B 100 -18.46 0.47 -1.54
C ASP B 100 -19.90 0.08 -1.23
N THR B 101 -20.77 0.30 -2.20
CA THR B 101 -22.18 0.25 -1.91
C THR B 101 -22.82 -1.13 -1.56
N ASP B 102 -22.01 -2.17 -1.90
CA ASP B 102 -22.42 -3.51 -1.56
C ASP B 102 -21.54 -4.09 -0.52
N GLY B 103 -20.57 -3.37 0.04
CA GLY B 103 -19.71 -3.97 1.06
C GLY B 103 -18.64 -4.92 0.60
N SER B 104 -18.57 -5.25 -0.68
CA SER B 104 -17.62 -6.20 -1.13
C SER B 104 -16.19 -5.63 -1.17
N GLY B 105 -16.03 -4.31 -1.24
CA GLY B 105 -14.71 -3.71 -1.20
C GLY B 105 -14.04 -3.96 0.14
N TYR B 106 -14.78 -3.77 1.23
CA TYR B 106 -14.21 -4.00 2.54
C TYR B 106 -13.80 -5.46 2.66
N LEU B 107 -14.64 -6.38 2.20
CA LEU B 107 -14.33 -7.81 2.32
C LEU B 107 -13.11 -8.19 1.51
N ARG B 108 -12.87 -7.53 0.37
CA ARG B 108 -11.66 -7.81 -0.41
C ARG B 108 -10.43 -7.07 0.03
N GLY B 109 -10.61 -5.98 0.77
CA GLY B 109 -9.55 -5.07 1.07
C GLY B 109 -9.29 -3.98 0.03
N HIS B 110 -10.11 -3.96 -1.00
CA HIS B 110 -9.94 -2.96 -2.06
C HIS B 110 -11.21 -2.97 -2.90
N LEU B 111 -11.40 -1.88 -3.61
CA LEU B 111 -12.30 -1.78 -4.76
C LEU B 111 -11.54 -1.79 -6.03
N ILE B 112 -12.24 -2.08 -7.13
CA ILE B 112 -11.73 -1.86 -8.46
C ILE B 112 -12.53 -0.69 -9.06
N VAL B 113 -11.82 0.34 -9.47
CA VAL B 113 -12.42 1.57 -9.95
C VAL B 113 -11.95 1.96 -11.29
N ASN B 114 -12.75 2.82 -11.95
CA ASN B 114 -12.26 3.60 -13.07
C ASN B 114 -12.13 5.06 -12.59
N TYR B 115 -11.21 5.82 -13.16
CA TYR B 115 -11.14 7.23 -12.82
C TYR B 115 -10.93 8.05 -14.07
N GLN B 116 -11.29 9.32 -13.96
CA GLN B 116 -11.12 10.36 -14.95
C GLN B 116 -10.77 11.66 -14.22
N PHE B 117 -9.67 12.28 -14.66
CA PHE B 117 -9.38 13.62 -14.18
C PHE B 117 -10.46 14.55 -14.76
N VAL B 118 -10.96 15.40 -13.89
CA VAL B 118 -12.08 16.29 -14.22
C VAL B 118 -11.79 17.69 -13.76
N ASN B 119 -12.50 18.64 -14.38
CA ASN B 119 -12.55 19.98 -13.95
C ASN B 119 -12.91 20.02 -12.47
N CYS B 120 -12.13 20.77 -11.69
CA CYS B 120 -12.43 20.89 -10.24
C CYS B 120 -13.55 21.86 -9.96
N GLY B 121 -14.03 22.57 -10.96
CA GLY B 121 -15.13 23.51 -10.73
C GLY B 121 -14.64 24.74 -9.93
N ASN B 122 -15.55 25.40 -9.26
CA ASN B 122 -15.28 26.65 -8.57
C ASN B 122 -14.59 26.38 -7.22
#